data_7D9N
#
_entry.id   7D9N
#
_cell.length_a   123.808
_cell.length_b   123.808
_cell.length_c   458.545
_cell.angle_alpha   90.00
_cell.angle_beta   90.00
_cell.angle_gamma   90.00
#
_symmetry.space_group_name_H-M   'I 41 2 2'
#
_entity_poly.entity_id   1
_entity_poly.type   'polypeptide(L)'
_entity_poly.pdbx_seq_one_letter_code
;TRLQEKEDLQELNDRLAVYIDRVRSLETENAGLRLRITESEEVVSREVSGIKAAYEAELGDARKTLDSVAKERARLQLEL
SKVREEFKELKARNTKKEGDLIAAQARLKDLEALLNFKEAALSTALSEKRTLEGELHDLRGQVAKLEAALGEAKKQLQDE
(MSE)LRRVDAENRLQT(MSE)KEELDFQKNIYSEELRETKRRHETRLVEIA
;
_entity_poly.pdbx_strand_id   A,B
#
# COMPACT_ATOMS: atom_id res chain seq x y z
N THR A 1 117.60 -71.78 -20.87
CA THR A 1 116.46 -71.07 -21.44
C THR A 1 116.38 -69.64 -20.93
N ARG A 2 117.55 -68.99 -20.81
CA ARG A 2 117.59 -67.57 -20.46
C ARG A 2 116.63 -66.74 -21.30
N LEU A 3 116.45 -67.11 -22.58
CA LEU A 3 115.58 -66.35 -23.47
C LEU A 3 114.21 -66.12 -22.83
N GLN A 4 113.55 -67.18 -22.38
CA GLN A 4 112.22 -67.07 -21.82
C GLN A 4 112.21 -66.95 -20.30
N GLU A 5 113.33 -67.22 -19.63
CA GLU A 5 113.37 -67.17 -18.18
C GLU A 5 113.01 -65.78 -17.65
N LYS A 6 113.68 -64.74 -18.17
CA LYS A 6 113.45 -63.41 -17.63
C LYS A 6 112.12 -62.81 -18.06
N GLU A 7 111.63 -63.10 -19.28
CA GLU A 7 110.34 -62.54 -19.67
C GLU A 7 109.22 -63.14 -18.84
N ASP A 8 109.27 -64.45 -18.59
CA ASP A 8 108.26 -65.10 -17.76
C ASP A 8 108.38 -64.69 -16.30
N LEU A 9 109.60 -64.42 -15.81
CA LEU A 9 109.75 -63.92 -14.45
C LEU A 9 109.17 -62.52 -14.30
N GLN A 10 109.19 -61.72 -15.37
CA GLN A 10 108.50 -60.44 -15.36
C GLN A 10 107.00 -60.60 -15.53
N GLU A 11 106.56 -61.60 -16.30
CA GLU A 11 105.14 -61.90 -16.38
C GLU A 11 104.58 -62.28 -15.01
N LEU A 12 105.38 -62.97 -14.20
CA LEU A 12 104.95 -63.29 -12.84
C LEU A 12 104.86 -62.03 -11.99
N ASN A 13 105.93 -61.24 -11.97
CA ASN A 13 105.93 -59.99 -11.19
C ASN A 13 104.89 -59.01 -11.67
N ASP A 14 104.48 -59.08 -12.94
CA ASP A 14 103.44 -58.18 -13.42
C ASP A 14 102.06 -58.68 -13.01
N ARG A 15 101.85 -60.00 -13.05
CA ARG A 15 100.61 -60.56 -12.51
C ARG A 15 100.59 -60.48 -10.99
N LEU A 16 101.76 -60.63 -10.35
CA LEU A 16 101.80 -60.66 -8.90
C LEU A 16 101.46 -59.31 -8.29
N ALA A 17 101.74 -58.22 -9.02
CA ALA A 17 101.49 -56.89 -8.47
C ALA A 17 100.00 -56.60 -8.36
N VAL A 18 99.23 -56.93 -9.40
CA VAL A 18 97.81 -56.61 -9.40
C VAL A 18 97.05 -57.52 -8.45
N TYR A 19 97.60 -58.70 -8.14
CA TYR A 19 96.98 -59.56 -7.15
C TYR A 19 97.30 -59.14 -5.72
N ILE A 20 98.33 -58.31 -5.53
CA ILE A 20 98.64 -57.83 -4.19
C ILE A 20 97.83 -56.59 -3.85
N ASP A 21 97.70 -55.64 -4.78
CA ASP A 21 96.80 -54.53 -4.51
C ASP A 21 95.35 -54.97 -4.43
N ARG A 22 95.04 -56.23 -4.77
CA ARG A 22 93.74 -56.80 -4.49
C ARG A 22 93.62 -57.31 -3.05
N VAL A 23 94.65 -58.00 -2.54
CA VAL A 23 94.56 -58.41 -1.15
C VAL A 23 94.68 -57.17 -0.25
N ARG A 24 95.28 -56.10 -0.76
CA ARG A 24 95.33 -54.85 0.00
C ARG A 24 93.94 -54.22 0.12
N SER A 25 93.26 -54.04 -1.01
CA SER A 25 91.94 -53.39 -0.97
C SER A 25 90.91 -54.27 -0.30
N LEU A 26 91.03 -55.60 -0.45
CA LEU A 26 90.06 -56.50 0.15
C LEU A 26 90.18 -56.51 1.67
N GLU A 27 91.41 -56.51 2.18
CA GLU A 27 91.62 -56.52 3.63
C GLU A 27 91.15 -55.21 4.26
N THR A 28 91.47 -54.08 3.64
CA THR A 28 90.99 -52.79 4.13
C THR A 28 89.46 -52.74 4.09
N GLU A 29 88.86 -53.27 3.03
CA GLU A 29 87.40 -53.32 2.96
C GLU A 29 86.82 -54.15 4.09
N ASN A 30 87.30 -55.39 4.25
CA ASN A 30 86.77 -56.28 5.28
C ASN A 30 86.80 -55.63 6.66
N ALA A 31 87.88 -54.92 6.97
CA ALA A 31 87.92 -54.19 8.24
C ALA A 31 86.87 -53.10 8.28
N GLY A 32 86.51 -52.55 7.13
CA GLY A 32 85.45 -51.55 7.09
C GLY A 32 84.09 -52.11 7.43
N LEU A 33 83.77 -53.30 6.92
CA LEU A 33 82.50 -53.93 7.27
C LEU A 33 82.50 -54.46 8.70
N ARG A 34 83.68 -54.74 9.28
CA ARG A 34 83.73 -55.23 10.65
C ARG A 34 83.25 -54.19 11.65
N LEU A 35 83.49 -52.91 11.36
CA LEU A 35 83.03 -51.85 12.26
C LEU A 35 81.51 -51.74 12.27
N ARG A 36 80.86 -52.10 11.16
CA ARG A 36 79.40 -51.99 11.09
C ARG A 36 78.72 -53.09 11.88
N ILE A 37 79.31 -54.29 11.90
CA ILE A 37 78.68 -55.43 12.57
C ILE A 37 78.58 -55.18 14.08
N THR A 38 79.66 -54.68 14.67
CA THR A 38 79.71 -54.46 16.11
C THR A 38 79.09 -53.13 16.54
N GLU A 39 78.55 -52.36 15.60
CA GLU A 39 77.95 -51.06 15.89
C GLU A 39 76.53 -51.16 16.44
N SER A 40 75.94 -52.34 16.47
CA SER A 40 74.48 -52.44 16.41
C SER A 40 73.82 -52.01 17.72
N GLU A 41 74.44 -52.31 18.87
CA GLU A 41 73.67 -52.46 20.11
C GLU A 41 72.91 -51.18 20.48
N GLU A 42 73.57 -50.03 20.49
CA GLU A 42 72.89 -48.80 20.93
C GLU A 42 72.86 -47.63 19.95
N VAL A 43 74.00 -47.26 19.36
CA VAL A 43 73.96 -46.02 18.58
C VAL A 43 73.32 -46.27 17.21
N VAL A 44 73.46 -47.49 16.67
CA VAL A 44 72.67 -47.88 15.50
C VAL A 44 71.18 -47.73 15.79
N SER A 45 70.75 -48.22 16.95
CA SER A 45 69.36 -48.06 17.36
C SER A 45 68.97 -46.59 17.44
N ARG A 46 69.84 -45.76 18.02
CA ARG A 46 69.51 -44.33 18.12
C ARG A 46 69.50 -43.63 16.77
N GLU A 47 70.34 -44.05 15.83
CA GLU A 47 70.33 -43.43 14.51
C GLU A 47 69.09 -43.84 13.71
N VAL A 48 68.74 -45.13 13.76
CA VAL A 48 67.50 -45.57 13.12
C VAL A 48 66.30 -44.94 13.81
N SER A 49 66.42 -44.63 15.10
CA SER A 49 65.36 -43.90 15.79
C SER A 49 65.32 -42.44 15.34
N GLY A 50 66.47 -41.87 15.03
CA GLY A 50 66.51 -40.53 14.47
C GLY A 50 65.86 -40.46 13.11
N ILE A 51 65.85 -41.57 12.37
CA ILE A 51 65.13 -41.56 11.09
C ILE A 51 63.62 -41.35 11.30
N LYS A 52 63.11 -41.55 12.52
CA LYS A 52 61.69 -41.30 12.77
C LYS A 52 61.33 -39.82 12.71
N ALA A 53 62.31 -38.93 12.91
CA ALA A 53 62.02 -37.50 12.75
C ALA A 53 61.70 -37.17 11.30
N ALA A 54 62.23 -37.95 10.36
CA ALA A 54 61.88 -37.76 8.96
C ALA A 54 60.39 -37.98 8.72
N TYR A 55 59.77 -38.88 9.48
CA TYR A 55 58.32 -39.04 9.40
C TYR A 55 57.60 -38.05 10.30
N GLU A 56 58.24 -37.61 11.39
CA GLU A 56 57.64 -36.56 12.21
C GLU A 56 57.48 -35.26 11.44
N ALA A 57 58.36 -35.01 10.46
CA ALA A 57 58.18 -33.87 9.58
C ALA A 57 56.85 -33.96 8.83
N GLU A 58 56.56 -35.13 8.25
CA GLU A 58 55.26 -35.35 7.62
C GLU A 58 54.13 -35.21 8.62
N LEU A 59 54.34 -35.68 9.85
CA LEU A 59 53.34 -35.51 10.90
C LEU A 59 52.98 -34.03 11.09
N GLY A 60 54.00 -33.19 11.25
CA GLY A 60 53.75 -31.77 11.46
C GLY A 60 53.09 -31.10 10.27
N ASP A 61 53.56 -31.41 9.06
CA ASP A 61 52.96 -30.82 7.86
C ASP A 61 51.50 -31.24 7.73
N ALA A 62 51.21 -32.52 8.01
CA ALA A 62 49.84 -33.00 7.93
C ALA A 62 48.96 -32.35 8.98
N ARG A 63 49.51 -32.10 10.17
CA ARG A 63 48.74 -31.39 11.19
C ARG A 63 48.38 -29.99 10.73
N LYS A 64 49.36 -29.27 10.18
CA LYS A 64 49.08 -27.91 9.71
C LYS A 64 48.04 -27.92 8.59
N THR A 65 48.14 -28.88 7.67
CA THR A 65 47.20 -28.90 6.55
C THR A 65 45.80 -29.32 6.98
N LEU A 66 45.67 -30.31 7.87
CA LEU A 66 44.40 -30.54 8.55
C LEU A 66 43.83 -29.28 9.16
N ASP A 67 44.64 -28.54 9.89
CA ASP A 67 44.04 -27.52 10.72
C ASP A 67 43.74 -26.23 9.96
N SER A 68 44.40 -26.00 8.82
CA SER A 68 43.92 -24.96 7.91
C SER A 68 42.51 -25.28 7.41
N VAL A 69 42.25 -26.56 7.09
CA VAL A 69 40.91 -26.97 6.70
C VAL A 69 39.93 -26.80 7.85
N ALA A 70 40.38 -27.08 9.07
CA ALA A 70 39.54 -26.83 10.24
C ALA A 70 39.16 -25.36 10.35
N LYS A 71 40.13 -24.47 10.15
CA LYS A 71 39.87 -23.04 10.16
C LYS A 71 38.83 -22.66 9.11
N GLU A 72 39.01 -23.15 7.88
CA GLU A 72 38.05 -22.81 6.83
C GLU A 72 36.66 -23.38 7.11
N ARG A 73 36.59 -24.55 7.73
CA ARG A 73 35.30 -25.11 8.12
C ARG A 73 34.60 -24.21 9.13
N ALA A 74 35.35 -23.73 10.13
CA ALA A 74 34.77 -22.81 11.10
C ALA A 74 34.31 -21.51 10.44
N ARG A 75 35.09 -21.01 9.49
CA ARG A 75 34.72 -19.79 8.78
C ARG A 75 33.41 -19.96 8.04
N LEU A 76 33.29 -21.04 7.25
CA LEU A 76 32.05 -21.27 6.53
C LEU A 76 30.89 -21.54 7.47
N GLN A 77 31.16 -22.17 8.63
CA GLN A 77 30.13 -22.37 9.63
C GLN A 77 29.55 -21.05 10.11
N LEU A 78 30.42 -20.13 10.53
CA LEU A 78 29.93 -18.85 11.05
C LEU A 78 29.28 -18.01 9.95
N GLU A 79 29.79 -18.10 8.71
CA GLU A 79 29.14 -17.37 7.63
C GLU A 79 27.74 -17.94 7.34
N LEU A 80 27.59 -19.26 7.39
CA LEU A 80 26.27 -19.86 7.22
C LEU A 80 25.34 -19.41 8.34
N SER A 81 25.84 -19.32 9.57
CA SER A 81 25.00 -18.85 10.67
C SER A 81 24.57 -17.41 10.48
N LYS A 82 25.50 -16.55 10.04
CA LYS A 82 25.17 -15.16 9.73
C LYS A 82 24.06 -15.07 8.69
N VAL A 83 24.25 -15.76 7.56
CA VAL A 83 23.25 -15.73 6.50
C VAL A 83 21.94 -16.34 6.98
N ARG A 84 21.99 -17.29 7.91
CA ARG A 84 20.77 -17.91 8.43
C ARG A 84 19.96 -16.92 9.23
N GLU A 85 20.60 -16.19 10.14
CA GLU A 85 19.86 -15.18 10.92
C GLU A 85 19.40 -14.03 10.03
N GLU A 86 20.21 -13.66 9.03
CA GLU A 86 19.78 -12.65 8.06
C GLU A 86 18.52 -13.10 7.32
N PHE A 87 18.50 -14.37 6.89
CA PHE A 87 17.33 -14.92 6.24
C PHE A 87 16.12 -14.91 7.16
N LYS A 88 16.32 -15.29 8.43
CA LYS A 88 15.21 -15.26 9.38
C LYS A 88 14.59 -13.87 9.47
N GLU A 89 15.42 -12.85 9.70
CA GLU A 89 14.91 -11.49 9.84
C GLU A 89 14.26 -11.01 8.55
N LEU A 90 14.92 -11.23 7.40
CA LEU A 90 14.38 -10.72 6.14
C LEU A 90 13.08 -11.41 5.77
N LYS A 91 12.95 -12.70 6.08
CA LYS A 91 11.70 -13.41 5.82
C LYS A 91 10.58 -12.88 6.71
N ALA A 92 10.84 -12.80 8.02
CA ALA A 92 9.82 -12.32 8.95
C ALA A 92 9.44 -10.87 8.68
N ARG A 93 10.31 -10.10 8.02
CA ARG A 93 9.98 -8.73 7.68
C ARG A 93 9.26 -8.62 6.33
N ASN A 94 9.63 -9.45 5.35
CA ASN A 94 8.95 -9.44 4.07
C ASN A 94 7.51 -9.93 4.21
N THR A 95 7.26 -10.86 5.13
CA THR A 95 5.87 -11.28 5.37
C THR A 95 5.01 -10.11 5.82
N LYS A 96 5.49 -9.35 6.82
CA LYS A 96 4.74 -8.20 7.30
C LYS A 96 4.62 -7.12 6.22
N LYS A 97 5.65 -6.97 5.38
CA LYS A 97 5.58 -5.97 4.31
C LYS A 97 4.53 -6.36 3.28
N GLU A 98 4.45 -7.65 2.95
CA GLU A 98 3.39 -8.09 2.03
C GLU A 98 2.01 -7.90 2.65
N GLY A 99 1.88 -8.16 3.94
CA GLY A 99 0.61 -7.90 4.60
C GLY A 99 0.22 -6.43 4.56
N ASP A 100 1.18 -5.55 4.81
CA ASP A 100 0.92 -4.11 4.75
C ASP A 100 0.57 -3.68 3.33
N LEU A 101 1.21 -4.28 2.33
CA LEU A 101 0.86 -3.98 0.94
C LEU A 101 -0.57 -4.40 0.63
N ILE A 102 -0.98 -5.59 1.12
CA ILE A 102 -2.35 -6.04 0.91
C ILE A 102 -3.33 -5.06 1.56
N ALA A 103 -3.03 -4.62 2.78
CA ALA A 103 -3.90 -3.67 3.46
C ALA A 103 -3.98 -2.34 2.70
N ALA A 104 -2.84 -1.83 2.25
CA ALA A 104 -2.80 -0.57 1.53
C ALA A 104 -3.59 -0.66 0.23
N GLN A 105 -3.47 -1.78 -0.48
CA GLN A 105 -4.22 -1.94 -1.72
C GLN A 105 -5.72 -2.08 -1.45
N ALA A 106 -6.09 -2.80 -0.37
CA ALA A 106 -7.49 -2.94 -0.03
C ALA A 106 -8.12 -1.60 0.32
N ARG A 107 -7.35 -0.70 0.94
CA ARG A 107 -7.87 0.63 1.20
C ARG A 107 -7.85 1.50 -0.06
N LEU A 108 -6.88 1.26 -0.95
CA LEU A 108 -6.74 2.06 -2.16
C LEU A 108 -7.92 1.81 -3.11
N LYS A 109 -8.35 0.56 -3.25
CA LYS A 109 -9.51 0.27 -4.09
C LYS A 109 -10.76 0.97 -3.54
N ASP A 110 -10.94 0.93 -2.21
CA ASP A 110 -12.09 1.61 -1.61
C ASP A 110 -12.05 3.10 -1.87
N LEU A 111 -10.86 3.72 -1.77
CA LEU A 111 -10.77 5.15 -2.02
C LEU A 111 -11.02 5.47 -3.50
N GLU A 112 -10.50 4.65 -4.42
CA GLU A 112 -10.75 4.90 -5.83
C GLU A 112 -12.22 4.72 -6.20
N ALA A 113 -12.93 3.86 -5.47
CA ALA A 113 -14.38 3.76 -5.68
C ALA A 113 -15.10 4.96 -5.09
N LEU A 114 -14.71 5.37 -3.88
CA LEU A 114 -15.40 6.47 -3.21
C LEU A 114 -15.22 7.78 -3.96
N LEU A 115 -14.04 8.02 -4.54
CA LEU A 115 -13.81 9.27 -5.25
C LEU A 115 -14.71 9.37 -6.49
N ASN A 116 -14.81 8.29 -7.25
CA ASN A 116 -15.66 8.30 -8.43
C ASN A 116 -17.13 8.41 -8.05
N PHE A 117 -17.53 7.74 -6.97
CA PHE A 117 -18.91 7.86 -6.51
C PHE A 117 -19.20 9.29 -6.08
N LYS A 118 -18.24 9.95 -5.44
CA LYS A 118 -18.43 11.34 -5.03
C LYS A 118 -18.54 12.26 -6.24
N GLU A 119 -17.74 12.01 -7.28
CA GLU A 119 -17.85 12.83 -8.49
C GLU A 119 -19.22 12.64 -9.15
N ALA A 120 -19.71 11.40 -9.21
CA ALA A 120 -21.03 11.15 -9.78
C ALA A 120 -22.12 11.83 -8.96
N ALA A 121 -22.02 11.73 -7.63
CA ALA A 121 -23.03 12.35 -6.77
C ALA A 121 -22.98 13.87 -6.89
N LEU A 122 -21.79 14.43 -7.07
CA LEU A 122 -21.67 15.88 -7.24
C LEU A 122 -22.30 16.33 -8.55
N SER A 123 -22.09 15.56 -9.63
CA SER A 123 -22.74 15.89 -10.90
C SER A 123 -24.25 15.82 -10.77
N THR A 124 -24.77 14.78 -10.11
CA THR A 124 -26.21 14.65 -9.95
C THR A 124 -26.76 15.78 -9.09
N ALA A 125 -26.04 16.16 -8.04
CA ALA A 125 -26.51 17.25 -7.17
C ALA A 125 -26.47 18.59 -7.89
N LEU A 126 -25.50 18.82 -8.76
CA LEU A 126 -25.46 20.06 -9.52
C LEU A 126 -26.59 20.10 -10.55
N SER A 127 -26.89 18.95 -11.17
CA SER A 127 -28.06 18.88 -12.04
C SER A 127 -29.34 19.16 -11.28
N GLU A 128 -29.44 18.65 -10.04
CA GLU A 128 -30.61 18.93 -9.22
C GLU A 128 -30.69 20.41 -8.86
N LYS A 129 -29.55 21.04 -8.60
CA LYS A 129 -29.53 22.48 -8.34
C LYS A 129 -30.01 23.26 -9.56
N ARG A 130 -29.60 22.84 -10.76
CA ARG A 130 -30.08 23.49 -11.98
C ARG A 130 -31.58 23.32 -12.16
N THR A 131 -32.08 22.11 -11.91
CA THR A 131 -33.52 21.86 -12.01
C THR A 131 -34.30 22.71 -11.02
N LEU A 132 -33.81 22.81 -9.77
CA LEU A 132 -34.49 23.61 -8.78
C LEU A 132 -34.38 25.10 -9.10
N GLU A 133 -33.31 25.53 -9.75
CA GLU A 133 -33.21 26.91 -10.21
C GLU A 133 -34.28 27.21 -11.25
N GLY A 134 -34.47 26.30 -12.21
CA GLY A 134 -35.54 26.46 -13.16
C GLY A 134 -36.91 26.49 -12.51
N GLU A 135 -37.14 25.62 -11.53
CA GLU A 135 -38.41 25.58 -10.82
C GLU A 135 -38.65 26.88 -10.04
N LEU A 136 -37.60 27.40 -9.41
CA LEU A 136 -37.72 28.67 -8.69
C LEU A 136 -38.03 29.81 -9.64
N HIS A 137 -37.41 29.82 -10.83
CA HIS A 137 -37.73 30.84 -11.83
C HIS A 137 -39.19 30.75 -12.25
N ASP A 138 -39.69 29.52 -12.47
CA ASP A 138 -41.09 29.35 -12.82
C ASP A 138 -42.01 29.90 -11.73
N LEU A 139 -41.76 29.52 -10.48
CA LEU A 139 -42.61 29.98 -9.38
C LEU A 139 -42.50 31.48 -9.17
N ARG A 140 -41.34 32.06 -9.45
CA ARG A 140 -41.17 33.51 -9.33
C ARG A 140 -41.99 34.25 -10.38
N GLY A 141 -41.88 33.81 -11.64
CA GLY A 141 -42.71 34.39 -12.68
C GLY A 141 -44.20 34.19 -12.44
N GLN A 142 -44.56 33.11 -11.75
CA GLN A 142 -45.96 32.88 -11.41
C GLN A 142 -46.44 33.85 -10.33
N VAL A 143 -45.65 33.98 -9.25
CA VAL A 143 -46.06 34.81 -8.13
C VAL A 143 -46.12 36.28 -8.53
N ALA A 144 -45.27 36.70 -9.48
CA ALA A 144 -45.33 38.08 -9.96
C ALA A 144 -46.70 38.39 -10.56
N LYS A 145 -47.13 37.56 -11.52
CA LYS A 145 -48.43 37.75 -12.17
C LYS A 145 -49.56 37.61 -11.16
N LEU A 146 -49.42 36.69 -10.20
CA LEU A 146 -50.48 36.49 -9.21
C LEU A 146 -50.69 37.73 -8.35
N GLU A 147 -49.59 38.31 -7.85
CA GLU A 147 -49.69 39.55 -7.09
C GLU A 147 -50.23 40.69 -7.95
N ALA A 148 -49.79 40.78 -9.21
CA ALA A 148 -50.26 41.83 -10.08
C ALA A 148 -51.77 41.74 -10.31
N ALA A 149 -52.30 40.52 -10.41
CA ALA A 149 -53.73 40.35 -10.60
C ALA A 149 -54.50 40.66 -9.33
N LEU A 150 -53.97 40.23 -8.17
CA LEU A 150 -54.64 40.51 -6.91
C LEU A 150 -54.74 42.02 -6.64
N GLY A 151 -53.70 42.77 -7.05
CA GLY A 151 -53.75 44.21 -6.87
C GLY A 151 -54.93 44.85 -7.59
N GLU A 152 -55.09 44.53 -8.88
CA GLU A 152 -56.20 45.09 -9.64
C GLU A 152 -57.54 44.59 -9.13
N ALA A 153 -57.61 43.34 -8.68
CA ALA A 153 -58.85 42.84 -8.09
C ALA A 153 -59.26 43.69 -6.88
N LYS A 154 -58.29 43.97 -6.00
CA LYS A 154 -58.59 44.77 -4.82
C LYS A 154 -58.95 46.21 -5.19
N LYS A 155 -58.32 46.75 -6.24
CA LYS A 155 -58.67 48.10 -6.68
C LYS A 155 -60.11 48.15 -7.18
N GLN A 156 -60.51 47.16 -7.97
CA GLN A 156 -61.89 47.10 -8.44
C GLN A 156 -62.85 46.94 -7.26
N LEU A 157 -62.45 46.18 -6.25
CA LEU A 157 -63.29 46.05 -5.06
C LEU A 157 -63.47 47.40 -4.37
N GLN A 158 -62.39 48.17 -4.25
CA GLN A 158 -62.47 49.50 -3.67
C GLN A 158 -63.46 50.37 -4.45
N ASP A 159 -63.33 50.39 -5.78
CA ASP A 159 -64.23 51.19 -6.61
C ASP A 159 -65.68 50.78 -6.45
N GLU A 160 -65.94 49.46 -6.43
CA GLU A 160 -67.32 49.00 -6.29
C GLU A 160 -67.89 49.34 -4.92
N LEU A 162 -67.04 51.93 -3.12
CA LEU A 162 -67.31 53.37 -3.21
C LEU A 162 -68.64 53.62 -3.89
N ARG A 163 -68.87 52.95 -5.03
CA ARG A 163 -70.13 53.17 -5.76
C ARG A 163 -71.33 52.68 -4.97
N ARG A 164 -71.18 51.57 -4.25
CA ARG A 164 -72.29 51.07 -3.42
C ARG A 164 -72.63 52.07 -2.32
N VAL A 165 -71.62 52.61 -1.65
CA VAL A 165 -71.86 53.59 -0.60
C VAL A 165 -72.54 54.82 -1.18
N ASP A 166 -72.10 55.27 -2.35
CA ASP A 166 -72.71 56.43 -2.98
C ASP A 166 -74.19 56.18 -3.29
N ALA A 167 -74.50 55.01 -3.85
CA ALA A 167 -75.89 54.71 -4.19
C ALA A 167 -76.76 54.55 -2.95
N GLU A 168 -76.20 54.04 -1.84
CA GLU A 168 -77.01 53.88 -0.64
C GLU A 168 -77.26 55.23 0.03
N ASN A 169 -76.26 56.11 0.03
CA ASN A 169 -76.51 57.48 0.45
C ASN A 169 -77.54 58.15 -0.46
N ARG A 170 -77.55 57.79 -1.75
CA ARG A 170 -78.57 58.28 -2.66
C ARG A 170 -79.96 57.85 -2.21
N LEU A 171 -80.11 56.57 -1.89
CA LEU A 171 -81.37 56.07 -1.32
C LEU A 171 -81.80 56.91 -0.12
N GLN A 172 -80.86 57.14 0.82
CA GLN A 172 -81.22 57.86 2.03
C GLN A 172 -81.67 59.29 1.75
N THR A 173 -80.96 59.99 0.86
CA THR A 173 -81.32 61.38 0.56
C THR A 173 -82.65 61.46 -0.19
N LYS A 175 -85.06 59.37 0.27
CA LYS A 175 -86.02 59.15 1.35
C LYS A 175 -86.29 60.44 2.12
N GLU A 176 -85.23 61.19 2.43
CA GLU A 176 -85.40 62.47 3.12
C GLU A 176 -86.27 63.42 2.31
N GLU A 177 -85.97 63.56 1.02
CA GLU A 177 -86.76 64.44 0.17
C GLU A 177 -88.22 64.00 0.10
N LEU A 178 -88.45 62.68 0.04
CA LEU A 178 -89.82 62.18 -0.03
C LEU A 178 -90.59 62.50 1.24
N ASP A 179 -89.97 62.30 2.40
CA ASP A 179 -90.64 62.60 3.66
C ASP A 179 -90.92 64.10 3.79
N PHE A 180 -89.98 64.94 3.36
CA PHE A 180 -90.21 66.38 3.41
C PHE A 180 -91.36 66.78 2.49
N GLN A 181 -91.43 66.19 1.29
CA GLN A 181 -92.53 66.48 0.38
C GLN A 181 -93.87 66.06 0.99
N LYS A 182 -93.89 64.91 1.67
CA LYS A 182 -95.13 64.45 2.29
C LYS A 182 -95.59 65.40 3.38
N ASN A 183 -94.65 65.86 4.22
CA ASN A 183 -95.02 66.80 5.28
C ASN A 183 -95.53 68.12 4.69
N ILE A 184 -94.87 68.61 3.64
CA ILE A 184 -95.30 69.84 2.99
C ILE A 184 -96.71 69.68 2.42
N TYR A 185 -96.97 68.54 1.78
CA TYR A 185 -98.31 68.27 1.24
C TYR A 185 -99.37 68.25 2.34
N SER A 186 -99.06 67.61 3.47
CA SER A 186 -100.00 67.58 4.59
C SER A 186 -100.32 68.97 5.09
N GLU A 187 -99.29 69.79 5.30
CA GLU A 187 -99.52 71.15 5.81
C GLU A 187 -100.28 71.99 4.79
N GLU A 188 -100.01 71.79 3.50
CA GLU A 188 -100.72 72.52 2.46
C GLU A 188 -102.21 72.21 2.49
N LEU A 189 -102.55 70.91 2.55
CA LEU A 189 -103.96 70.54 2.60
C LEU A 189 -104.62 71.08 3.86
N ARG A 190 -103.92 71.03 4.99
CA ARG A 190 -104.46 71.57 6.23
C ARG A 190 -104.82 73.04 6.07
N GLU A 191 -103.86 73.86 5.60
CA GLU A 191 -104.11 75.29 5.45
C GLU A 191 -105.22 75.56 4.44
N THR A 192 -105.27 74.80 3.35
CA THR A 192 -106.26 75.04 2.32
C THR A 192 -107.67 74.74 2.83
N LYS A 193 -107.84 73.62 3.53
CA LYS A 193 -109.16 73.31 4.07
C LYS A 193 -109.56 74.29 5.15
N ARG A 194 -108.60 74.77 5.96
CA ARG A 194 -108.92 75.80 6.94
C ARG A 194 -109.42 77.07 6.27
N ARG A 195 -108.76 77.48 5.18
CA ARG A 195 -109.18 78.67 4.46
C ARG A 195 -110.58 78.51 3.88
N HIS A 196 -110.86 77.34 3.29
CA HIS A 196 -112.20 77.10 2.74
C HIS A 196 -113.26 77.16 3.84
N GLU A 197 -112.97 76.55 5.00
CA GLU A 197 -113.90 76.63 6.12
C GLU A 197 -114.15 78.09 6.53
N THR A 198 -113.08 78.86 6.68
CA THR A 198 -113.24 80.26 7.08
C THR A 198 -114.04 81.06 6.06
N ARG A 199 -113.99 80.67 4.78
CA ARG A 199 -114.85 81.35 3.81
C ARG A 199 -116.29 80.87 3.86
N LEU A 200 -116.53 79.62 4.27
CA LEU A 200 -117.91 79.19 4.42
C LEU A 200 -118.61 79.93 5.56
N VAL A 201 -117.86 80.38 6.56
CA VAL A 201 -118.48 81.02 7.73
C VAL A 201 -119.04 82.38 7.34
N GLU A 202 -118.34 83.13 6.47
CA GLU A 202 -118.78 84.46 6.08
C GLU A 202 -120.09 84.45 5.30
N ILE A 203 -120.44 83.33 4.68
CA ILE A 203 -121.68 83.23 3.91
C ILE A 203 -122.86 82.96 4.84
N GLN B 4 119.71 -69.87 -7.68
CA GLN B 4 119.44 -70.88 -8.70
C GLN B 4 118.14 -70.53 -9.41
N GLU B 5 118.08 -70.80 -10.72
CA GLU B 5 116.91 -70.43 -11.51
C GLU B 5 115.66 -71.17 -11.05
N LYS B 6 115.79 -72.47 -10.75
CA LYS B 6 114.66 -73.25 -10.25
C LYS B 6 114.06 -72.60 -9.00
N GLU B 7 114.92 -72.22 -8.05
CA GLU B 7 114.45 -71.60 -6.82
C GLU B 7 113.70 -70.30 -7.10
N ASP B 8 114.34 -69.39 -7.84
CA ASP B 8 113.78 -68.06 -8.04
C ASP B 8 112.52 -68.07 -8.90
N LEU B 9 112.32 -69.10 -9.72
CA LEU B 9 111.06 -69.19 -10.46
C LEU B 9 109.98 -69.88 -9.65
N GLN B 10 110.33 -70.98 -8.98
CA GLN B 10 109.35 -71.76 -8.22
C GLN B 10 108.76 -70.95 -7.08
N GLU B 11 109.62 -70.26 -6.32
CA GLU B 11 109.12 -69.49 -5.18
C GLU B 11 108.19 -68.37 -5.63
N LEU B 12 108.53 -67.69 -6.72
CA LEU B 12 107.68 -66.59 -7.18
C LEU B 12 106.34 -67.10 -7.70
N ASN B 13 106.34 -68.21 -8.45
CA ASN B 13 105.07 -68.76 -8.91
C ASN B 13 104.22 -69.23 -7.74
N ASP B 14 104.85 -69.85 -6.74
CA ASP B 14 104.14 -70.28 -5.55
C ASP B 14 103.54 -69.08 -4.81
N ARG B 15 104.27 -67.97 -4.75
CA ARG B 15 103.74 -66.78 -4.10
C ARG B 15 102.58 -66.17 -4.87
N LEU B 16 102.64 -66.22 -6.20
CA LEU B 16 101.51 -65.78 -7.00
C LEU B 16 100.27 -66.60 -6.69
N ALA B 17 100.42 -67.92 -6.65
CA ALA B 17 99.29 -68.78 -6.30
C ALA B 17 98.78 -68.49 -4.89
N VAL B 18 99.70 -68.23 -3.96
CA VAL B 18 99.32 -67.90 -2.59
C VAL B 18 98.45 -66.66 -2.57
N TYR B 19 98.86 -65.62 -3.28
CA TYR B 19 98.08 -64.38 -3.28
C TYR B 19 96.74 -64.53 -3.99
N ILE B 20 96.67 -65.38 -5.02
CA ILE B 20 95.38 -65.62 -5.68
C ILE B 20 94.40 -66.29 -4.72
N ASP B 21 94.88 -67.35 -4.03
CA ASP B 21 94.00 -68.01 -3.06
C ASP B 21 93.66 -67.07 -1.90
N ARG B 22 94.58 -66.17 -1.54
CA ARG B 22 94.29 -65.15 -0.56
C ARG B 22 93.15 -64.24 -1.01
N VAL B 23 93.17 -63.84 -2.28
CA VAL B 23 92.10 -63.02 -2.84
C VAL B 23 90.76 -63.75 -2.72
N ARG B 24 90.75 -65.04 -3.06
CA ARG B 24 89.49 -65.78 -2.99
C ARG B 24 88.98 -65.92 -1.55
N SER B 25 89.89 -66.23 -0.62
CA SER B 25 89.49 -66.34 0.78
C SER B 25 88.97 -65.01 1.32
N LEU B 26 89.59 -63.90 0.91
CA LEU B 26 89.13 -62.59 1.36
C LEU B 26 87.78 -62.23 0.75
N GLU B 27 87.52 -62.66 -0.49
CA GLU B 27 86.18 -62.47 -1.05
C GLU B 27 85.14 -63.24 -0.23
N THR B 28 85.46 -64.47 0.15
CA THR B 28 84.57 -65.24 1.01
C THR B 28 84.30 -64.50 2.32
N GLU B 29 85.37 -63.98 2.94
CA GLU B 29 85.20 -63.24 4.19
C GLU B 29 84.35 -61.99 4.00
N ASN B 30 84.54 -61.28 2.88
CA ASN B 30 83.74 -60.10 2.60
C ASN B 30 82.27 -60.44 2.50
N ALA B 31 81.94 -61.54 1.81
CA ALA B 31 80.55 -61.97 1.72
C ALA B 31 79.98 -62.30 3.10
N GLY B 32 80.74 -63.03 3.91
CA GLY B 32 80.27 -63.37 5.24
C GLY B 32 80.05 -62.14 6.11
N LEU B 33 80.93 -61.16 5.99
CA LEU B 33 80.80 -59.91 6.76
C LEU B 33 79.57 -59.13 6.31
N ARG B 34 79.31 -59.12 5.00
CA ARG B 34 78.11 -58.47 4.50
C ARG B 34 76.85 -59.14 5.06
N LEU B 35 76.87 -60.48 5.15
CA LEU B 35 75.74 -61.17 5.76
C LEU B 35 75.59 -60.80 7.23
N ARG B 36 76.71 -60.71 7.95
CA ARG B 36 76.66 -60.29 9.36
C ARG B 36 75.99 -58.93 9.51
N ILE B 37 76.42 -57.94 8.72
CA ILE B 37 75.86 -56.61 8.89
C ILE B 37 74.40 -56.58 8.44
N THR B 38 74.03 -57.40 7.45
CA THR B 38 72.63 -57.50 7.06
C THR B 38 71.77 -57.98 8.22
N GLU B 39 72.22 -59.04 8.90
CA GLU B 39 71.46 -59.55 10.05
C GLU B 39 71.41 -58.52 11.17
N SER B 40 72.54 -57.85 11.45
CA SER B 40 72.57 -56.83 12.49
C SER B 40 71.62 -55.68 12.17
N GLU B 41 71.44 -55.36 10.89
CA GLU B 41 70.50 -54.32 10.51
C GLU B 41 69.06 -54.80 10.66
N GLU B 42 68.80 -56.06 10.30
CA GLU B 42 67.46 -56.61 10.45
C GLU B 42 67.01 -56.61 11.90
N VAL B 43 67.93 -56.88 12.83
CA VAL B 43 67.56 -56.91 14.24
C VAL B 43 67.07 -55.54 14.71
N VAL B 44 67.84 -54.49 14.41
CA VAL B 44 67.44 -53.16 14.85
C VAL B 44 66.19 -52.71 14.12
N SER B 45 65.99 -53.15 12.86
CA SER B 45 64.74 -52.87 12.18
C SER B 45 63.56 -53.48 12.93
N ARG B 46 63.70 -54.75 13.33
CA ARG B 46 62.64 -55.42 14.07
C ARG B 46 62.36 -54.71 15.40
N GLU B 47 63.39 -54.15 16.04
CA GLU B 47 63.15 -53.48 17.32
C GLU B 47 62.47 -52.13 17.14
N VAL B 48 62.91 -51.32 16.18
CA VAL B 48 62.31 -50.00 15.98
C VAL B 48 61.00 -50.05 15.21
N SER B 49 60.62 -51.22 14.70
CA SER B 49 59.36 -51.36 13.98
C SER B 49 58.16 -50.95 14.84
N GLY B 50 58.23 -51.13 16.16
CA GLY B 50 57.11 -50.75 17.01
C GLY B 50 56.90 -49.26 17.06
N ILE B 51 57.96 -48.50 17.30
CA ILE B 51 57.88 -47.04 17.29
C ILE B 51 57.44 -46.55 15.91
N LYS B 52 57.96 -47.18 14.85
CA LYS B 52 57.57 -46.77 13.51
C LYS B 52 56.08 -47.02 13.27
N ALA B 53 55.56 -48.15 13.76
CA ALA B 53 54.15 -48.45 13.61
C ALA B 53 53.29 -47.46 14.39
N ALA B 54 53.74 -47.05 15.57
CA ALA B 54 53.02 -46.03 16.32
C ALA B 54 52.97 -44.71 15.55
N TYR B 55 54.09 -44.33 14.95
CA TYR B 55 54.12 -43.07 14.20
C TYR B 55 53.20 -43.12 12.98
N GLU B 56 53.23 -44.24 12.24
CA GLU B 56 52.34 -44.36 11.09
C GLU B 56 50.88 -44.48 11.51
N ALA B 57 50.62 -45.00 12.71
CA ALA B 57 49.25 -45.00 13.23
C ALA B 57 48.78 -43.58 13.51
N GLU B 58 49.65 -42.75 14.09
CA GLU B 58 49.32 -41.34 14.26
C GLU B 58 49.03 -40.69 12.92
N LEU B 59 49.88 -40.96 11.92
CA LEU B 59 49.65 -40.41 10.57
C LEU B 59 48.29 -40.84 10.01
N GLY B 60 47.97 -42.12 10.15
CA GLY B 60 46.71 -42.61 9.61
C GLY B 60 45.51 -42.00 10.29
N ASP B 61 45.55 -41.91 11.62
CA ASP B 61 44.45 -41.28 12.35
C ASP B 61 44.31 -39.81 11.96
N ALA B 62 45.43 -39.11 11.81
CA ALA B 62 45.38 -37.71 11.41
C ALA B 62 44.74 -37.54 10.04
N ARG B 63 45.14 -38.38 9.07
CA ARG B 63 44.57 -38.25 7.74
C ARG B 63 43.10 -38.66 7.70
N LYS B 64 42.72 -39.65 8.51
CA LYS B 64 41.32 -40.03 8.61
C LYS B 64 40.47 -38.87 9.11
N THR B 65 40.90 -38.24 10.21
CA THR B 65 40.20 -37.07 10.71
C THR B 65 40.23 -35.93 9.69
N LEU B 66 41.33 -35.81 8.94
CA LEU B 66 41.45 -34.75 7.95
C LEU B 66 40.40 -34.89 6.85
N ASP B 67 40.22 -36.11 6.33
CA ASP B 67 39.22 -36.29 5.29
C ASP B 67 37.81 -36.23 5.86
N SER B 68 37.61 -36.70 7.10
CA SER B 68 36.30 -36.57 7.74
C SER B 68 35.90 -35.12 7.94
N VAL B 69 36.88 -34.23 8.13
CA VAL B 69 36.58 -32.80 8.23
C VAL B 69 36.48 -32.14 6.87
N ALA B 70 37.27 -32.58 5.88
CA ALA B 70 37.22 -31.96 4.56
C ALA B 70 35.91 -32.28 3.85
N LYS B 71 35.36 -33.48 4.09
CA LYS B 71 34.03 -33.79 3.58
C LYS B 71 33.00 -32.80 4.11
N GLU B 72 33.06 -32.51 5.43
CA GLU B 72 32.14 -31.55 6.02
C GLU B 72 32.34 -30.16 5.46
N ARG B 73 33.59 -29.77 5.21
CA ARG B 73 33.86 -28.45 4.65
C ARG B 73 33.28 -28.31 3.24
N ALA B 74 33.53 -29.31 2.39
CA ALA B 74 32.98 -29.27 1.04
C ALA B 74 31.46 -29.33 1.05
N ARG B 75 30.87 -30.01 2.03
CA ARG B 75 29.42 -30.01 2.16
C ARG B 75 28.90 -28.65 2.57
N LEU B 76 29.55 -28.02 3.56
CA LEU B 76 29.05 -26.78 4.12
C LEU B 76 29.22 -25.61 3.16
N GLN B 77 30.22 -25.66 2.27
CA GLN B 77 30.32 -24.62 1.26
C GLN B 77 29.05 -24.55 0.41
N LEU B 78 28.57 -25.70 -0.05
CA LEU B 78 27.34 -25.72 -0.84
C LEU B 78 26.10 -25.48 0.01
N GLU B 79 26.08 -25.99 1.24
CA GLU B 79 24.98 -25.68 2.15
C GLU B 79 24.87 -24.18 2.41
N LEU B 80 25.98 -23.46 2.31
CA LEU B 80 25.96 -22.01 2.43
C LEU B 80 25.55 -21.34 1.11
N SER B 81 26.06 -21.86 -0.02
CA SER B 81 25.72 -21.26 -1.31
C SER B 81 24.23 -21.36 -1.61
N LYS B 82 23.61 -22.47 -1.18
CA LYS B 82 22.16 -22.61 -1.36
C LYS B 82 21.39 -21.50 -0.64
N VAL B 83 21.67 -21.32 0.65
CA VAL B 83 20.99 -20.27 1.42
C VAL B 83 21.34 -18.90 0.89
N ARG B 84 22.54 -18.75 0.32
CA ARG B 84 22.92 -17.45 -0.26
C ARG B 84 22.10 -17.14 -1.51
N GLU B 85 21.88 -18.14 -2.37
CA GLU B 85 21.02 -17.93 -3.53
C GLU B 85 19.59 -17.60 -3.09
N GLU B 86 19.09 -18.31 -2.08
CA GLU B 86 17.76 -18.01 -1.57
C GLU B 86 17.68 -16.60 -1.00
N PHE B 87 18.71 -16.17 -0.28
CA PHE B 87 18.75 -14.81 0.25
C PHE B 87 18.78 -13.79 -0.87
N LYS B 88 19.57 -14.04 -1.92
CA LYS B 88 19.64 -13.12 -3.04
C LYS B 88 18.28 -12.94 -3.68
N GLU B 89 17.60 -14.05 -4.01
CA GLU B 89 16.30 -13.92 -4.65
C GLU B 89 15.28 -13.26 -3.73
N LEU B 90 15.28 -13.60 -2.43
CA LEU B 90 14.27 -13.03 -1.53
C LEU B 90 14.52 -11.54 -1.31
N LYS B 91 15.78 -11.11 -1.26
CA LYS B 91 16.07 -9.69 -1.12
C LYS B 91 15.70 -8.93 -2.38
N ALA B 92 16.00 -9.50 -3.55
CA ALA B 92 15.62 -8.87 -4.81
C ALA B 92 14.11 -8.74 -4.94
N ARG B 93 13.37 -9.69 -4.38
CA ARG B 93 11.90 -9.59 -4.42
C ARG B 93 11.39 -8.59 -3.39
N ASN B 94 11.96 -8.59 -2.19
CA ASN B 94 11.53 -7.66 -1.15
C ASN B 94 11.78 -6.22 -1.54
N THR B 95 12.86 -5.95 -2.27
CA THR B 95 13.12 -4.59 -2.72
C THR B 95 11.98 -4.08 -3.61
N LYS B 96 11.58 -4.86 -4.61
CA LYS B 96 10.52 -4.42 -5.50
C LYS B 96 9.17 -4.37 -4.77
N LYS B 97 8.92 -5.31 -3.87
CA LYS B 97 7.66 -5.28 -3.12
C LYS B 97 7.58 -4.03 -2.25
N GLU B 98 8.68 -3.66 -1.59
CA GLU B 98 8.68 -2.45 -0.79
C GLU B 98 8.62 -1.20 -1.66
N GLY B 99 9.14 -1.26 -2.88
CA GLY B 99 8.98 -0.13 -3.79
C GLY B 99 7.53 0.09 -4.18
N ASP B 100 6.83 -1.00 -4.51
CA ASP B 100 5.40 -0.91 -4.77
C ASP B 100 4.65 -0.42 -3.53
N LEU B 101 5.09 -0.86 -2.34
CA LEU B 101 4.48 -0.39 -1.11
C LEU B 101 4.68 1.10 -0.91
N ILE B 102 5.88 1.61 -1.25
CA ILE B 102 6.15 3.04 -1.12
C ILE B 102 5.27 3.82 -2.09
N ALA B 103 5.09 3.29 -3.31
CA ALA B 103 4.16 3.94 -4.24
C ALA B 103 2.77 4.03 -3.66
N ALA B 104 2.26 2.91 -3.12
CA ALA B 104 0.93 2.91 -2.51
C ALA B 104 0.85 3.88 -1.33
N GLN B 105 1.89 3.90 -0.50
CA GLN B 105 1.91 4.80 0.65
C GLN B 105 1.83 6.26 0.21
N ALA B 106 2.67 6.63 -0.76
CA ALA B 106 2.73 8.02 -1.19
C ALA B 106 1.46 8.43 -1.94
N ARG B 107 0.74 7.48 -2.54
CA ARG B 107 -0.43 7.85 -3.32
C ARG B 107 -1.73 7.75 -2.54
N LEU B 108 -1.78 6.98 -1.45
CA LEU B 108 -2.97 6.95 -0.62
C LEU B 108 -3.20 8.31 0.04
N LYS B 109 -2.12 8.99 0.43
CA LYS B 109 -2.23 10.36 0.95
C LYS B 109 -2.74 11.31 -0.13
N ASP B 110 -2.20 11.19 -1.34
CA ASP B 110 -2.59 12.03 -2.44
C ASP B 110 -4.06 11.83 -2.80
N LEU B 111 -4.59 10.63 -2.54
CA LEU B 111 -6.02 10.39 -2.70
C LEU B 111 -6.83 10.88 -1.50
N GLU B 112 -6.26 10.85 -0.30
CA GLU B 112 -6.95 11.47 0.83
C GLU B 112 -7.21 12.95 0.56
N ALA B 113 -6.25 13.61 -0.08
CA ALA B 113 -6.44 15.02 -0.43
C ALA B 113 -7.63 15.20 -1.38
N LEU B 114 -7.68 14.39 -2.45
CA LEU B 114 -8.82 14.41 -3.36
C LEU B 114 -10.13 14.15 -2.60
N LEU B 115 -10.14 13.14 -1.74
CA LEU B 115 -11.34 12.81 -0.99
C LEU B 115 -11.84 14.01 -0.20
N ASN B 116 -10.93 14.65 0.54
CA ASN B 116 -11.33 15.78 1.38
C ASN B 116 -11.86 16.93 0.54
N PHE B 117 -11.15 17.29 -0.55
CA PHE B 117 -11.56 18.45 -1.32
C PHE B 117 -12.86 18.20 -2.07
N LYS B 118 -13.00 17.02 -2.68
CA LYS B 118 -14.24 16.68 -3.38
C LYS B 118 -15.41 16.56 -2.41
N GLU B 119 -15.18 16.07 -1.19
CA GLU B 119 -16.24 16.01 -0.20
C GLU B 119 -16.66 17.39 0.27
N ALA B 120 -15.70 18.31 0.38
CA ALA B 120 -16.06 19.69 0.68
C ALA B 120 -16.92 20.30 -0.43
N ALA B 121 -16.56 20.02 -1.68
CA ALA B 121 -17.40 20.48 -2.80
C ALA B 121 -18.80 19.87 -2.73
N LEU B 122 -18.88 18.58 -2.41
CA LEU B 122 -20.17 17.91 -2.29
C LEU B 122 -21.01 18.51 -1.17
N SER B 123 -20.37 18.86 -0.06
CA SER B 123 -21.11 19.46 1.05
C SER B 123 -21.59 20.86 0.69
N THR B 124 -20.79 21.62 -0.05
CA THR B 124 -21.25 22.91 -0.57
C THR B 124 -22.49 22.73 -1.44
N ALA B 125 -22.44 21.77 -2.37
CA ALA B 125 -23.59 21.51 -3.23
C ALA B 125 -24.81 21.07 -2.43
N LEU B 126 -24.59 20.28 -1.38
CA LEU B 126 -25.69 19.81 -0.55
C LEU B 126 -26.35 20.98 0.20
N SER B 127 -25.53 21.88 0.75
CA SER B 127 -26.08 23.07 1.40
C SER B 127 -26.88 23.91 0.41
N GLU B 128 -26.35 24.09 -0.80
CA GLU B 128 -27.08 24.85 -1.82
C GLU B 128 -28.42 24.21 -2.13
N LYS B 129 -28.43 22.88 -2.33
CA LYS B 129 -29.68 22.20 -2.65
C LYS B 129 -30.69 22.31 -1.51
N ARG B 130 -30.23 22.15 -0.27
CA ARG B 130 -31.13 22.22 0.88
C ARG B 130 -31.75 23.61 1.01
N THR B 131 -30.94 24.66 0.86
CA THR B 131 -31.48 26.01 0.93
C THR B 131 -32.46 26.27 -0.19
N LEU B 132 -32.14 25.82 -1.42
CA LEU B 132 -33.06 26.04 -2.53
C LEU B 132 -34.34 25.23 -2.38
N GLU B 133 -34.27 24.07 -1.71
CA GLU B 133 -35.46 23.28 -1.45
C GLU B 133 -36.38 24.00 -0.47
N GLY B 134 -35.81 24.52 0.61
CA GLY B 134 -36.60 25.35 1.53
C GLY B 134 -37.19 26.55 0.82
N GLU B 135 -36.42 27.16 -0.09
CA GLU B 135 -36.92 28.31 -0.85
C GLU B 135 -38.10 27.92 -1.72
N LEU B 136 -38.02 26.76 -2.38
CA LEU B 136 -39.13 26.29 -3.20
C LEU B 136 -40.36 26.03 -2.35
N HIS B 137 -40.18 25.46 -1.15
CA HIS B 137 -41.32 25.24 -0.26
C HIS B 137 -41.97 26.56 0.12
N ASP B 138 -41.16 27.56 0.49
CA ASP B 138 -41.70 28.86 0.85
C ASP B 138 -42.46 29.50 -0.31
N LEU B 139 -41.89 29.40 -1.52
CA LEU B 139 -42.56 29.98 -2.68
C LEU B 139 -43.87 29.26 -2.99
N ARG B 140 -43.90 27.94 -2.81
CA ARG B 140 -45.13 27.18 -3.02
C ARG B 140 -46.21 27.63 -2.04
N GLY B 141 -45.84 27.77 -0.76
CA GLY B 141 -46.81 28.25 0.22
C GLY B 141 -47.31 29.65 -0.09
N GLN B 142 -46.39 30.53 -0.51
CA GLN B 142 -46.78 31.89 -0.89
C GLN B 142 -47.76 31.89 -2.05
N VAL B 143 -47.46 31.08 -3.08
CA VAL B 143 -48.33 31.03 -4.26
C VAL B 143 -49.70 30.46 -3.90
N ALA B 144 -49.74 29.45 -3.02
CA ALA B 144 -51.02 28.88 -2.61
C ALA B 144 -51.86 29.92 -1.86
N LYS B 145 -51.26 30.60 -0.88
CA LYS B 145 -52.00 31.61 -0.14
C LYS B 145 -52.47 32.74 -1.05
N LEU B 146 -51.63 33.13 -2.01
CA LEU B 146 -52.02 34.23 -2.91
C LEU B 146 -53.12 33.81 -3.86
N GLU B 147 -53.11 32.55 -4.31
CA GLU B 147 -54.21 32.06 -5.14
C GLU B 147 -55.52 32.04 -4.37
N ALA B 148 -55.48 31.56 -3.12
CA ALA B 148 -56.69 31.57 -2.31
C ALA B 148 -57.19 33.00 -2.09
N ALA B 149 -56.27 33.92 -1.81
CA ALA B 149 -56.66 35.31 -1.59
C ALA B 149 -57.24 35.93 -2.84
N LEU B 150 -56.68 35.62 -4.02
CA LEU B 150 -57.21 36.15 -5.26
C LEU B 150 -58.60 35.60 -5.56
N GLY B 151 -58.81 34.31 -5.30
CA GLY B 151 -60.15 33.75 -5.48
C GLY B 151 -61.17 34.41 -4.56
N GLU B 152 -60.82 34.58 -3.28
CA GLU B 152 -61.73 35.21 -2.35
C GLU B 152 -61.99 36.67 -2.73
N ALA B 153 -60.96 37.37 -3.21
CA ALA B 153 -61.13 38.76 -3.60
C ALA B 153 -62.00 38.89 -4.84
N LYS B 154 -61.86 37.96 -5.79
CA LYS B 154 -62.73 37.97 -6.96
C LYS B 154 -64.18 37.72 -6.57
N LYS B 155 -64.41 36.79 -5.64
CA LYS B 155 -65.77 36.56 -5.18
C LYS B 155 -66.32 37.79 -4.43
N GLN B 156 -65.48 38.44 -3.63
CA GLN B 156 -65.93 39.64 -2.93
C GLN B 156 -66.25 40.76 -3.91
N LEU B 157 -65.46 40.88 -4.98
CA LEU B 157 -65.74 41.88 -6.00
C LEU B 157 -67.05 41.58 -6.72
N GLN B 158 -67.28 40.31 -7.08
CA GLN B 158 -68.53 39.94 -7.73
C GLN B 158 -69.73 40.08 -6.81
N ASP B 159 -69.52 40.03 -5.50
CA ASP B 159 -70.62 40.27 -4.57
C ASP B 159 -70.89 41.76 -4.39
N GLU B 160 -69.83 42.57 -4.29
CA GLU B 160 -70.02 44.00 -4.10
C GLU B 160 -70.51 44.71 -5.36
N LEU B 162 -72.54 43.31 -7.38
CA LEU B 162 -73.95 42.91 -7.31
C LEU B 162 -74.72 43.78 -6.33
N ARG B 163 -74.16 44.00 -5.13
CA ARG B 163 -74.84 44.84 -4.15
C ARG B 163 -74.90 46.29 -4.60
N ARG B 164 -73.90 46.76 -5.34
CA ARG B 164 -73.95 48.09 -5.93
C ARG B 164 -75.08 48.18 -6.95
N VAL B 165 -75.22 47.16 -7.79
CA VAL B 165 -76.32 47.11 -8.75
C VAL B 165 -77.66 47.21 -8.02
N ASP B 166 -77.80 46.45 -6.93
CA ASP B 166 -79.08 46.45 -6.20
C ASP B 166 -79.32 47.80 -5.53
N ALA B 167 -78.27 48.44 -5.01
CA ALA B 167 -78.44 49.75 -4.39
C ALA B 167 -78.81 50.82 -5.41
N GLU B 168 -78.21 50.75 -6.61
CA GLU B 168 -78.58 51.70 -7.66
C GLU B 168 -80.01 51.46 -8.13
N ASN B 169 -80.45 50.20 -8.12
CA ASN B 169 -81.83 49.91 -8.48
C ASN B 169 -82.79 50.45 -7.44
N ARG B 170 -82.42 50.32 -6.16
CA ARG B 170 -83.21 50.92 -5.09
C ARG B 170 -83.28 52.44 -5.25
N LEU B 171 -82.15 53.07 -5.57
CA LEU B 171 -82.15 54.50 -5.90
C LEU B 171 -83.13 54.84 -7.01
N GLN B 172 -83.05 54.12 -8.13
CA GLN B 172 -83.89 54.46 -9.28
C GLN B 172 -85.37 54.27 -8.94
N THR B 173 -85.71 53.17 -8.27
CA THR B 173 -87.08 52.92 -7.88
C THR B 173 -87.58 54.00 -6.91
N LYS B 175 -86.48 57.11 -6.68
CA LYS B 175 -86.63 58.37 -7.40
C LYS B 175 -87.91 58.39 -8.21
N GLU B 176 -88.22 57.28 -8.90
CA GLU B 176 -89.48 57.22 -9.65
C GLU B 176 -90.67 57.27 -8.70
N GLU B 177 -90.56 56.61 -7.54
CA GLU B 177 -91.63 56.68 -6.54
C GLU B 177 -91.85 58.11 -6.07
N LEU B 178 -90.75 58.85 -5.85
CA LEU B 178 -90.86 60.24 -5.41
C LEU B 178 -91.53 61.10 -6.48
N ASP B 179 -91.08 60.98 -7.74
CA ASP B 179 -91.66 61.79 -8.81
C ASP B 179 -93.08 61.37 -9.15
N PHE B 180 -93.50 60.17 -8.76
CA PHE B 180 -94.89 59.75 -8.93
C PHE B 180 -95.77 60.28 -7.81
N GLN B 181 -95.31 60.15 -6.56
CA GLN B 181 -96.05 60.67 -5.43
C GLN B 181 -96.16 62.19 -5.50
N LYS B 182 -95.18 62.87 -6.09
CA LYS B 182 -95.26 64.33 -6.22
C LYS B 182 -96.38 64.73 -7.16
N ASN B 183 -96.48 64.06 -8.31
CA ASN B 183 -97.59 64.32 -9.23
C ASN B 183 -98.93 63.99 -8.57
N ILE B 184 -98.99 62.88 -7.83
CA ILE B 184 -100.22 62.52 -7.12
C ILE B 184 -100.60 63.63 -6.15
N TYR B 185 -99.63 64.14 -5.40
CA TYR B 185 -99.89 65.17 -4.40
C TYR B 185 -100.41 66.45 -5.07
N SER B 186 -99.73 66.89 -6.14
CA SER B 186 -100.14 68.12 -6.81
C SER B 186 -101.54 67.99 -7.39
N GLU B 187 -101.81 66.88 -8.09
CA GLU B 187 -103.12 66.70 -8.70
C GLU B 187 -104.21 66.55 -7.66
N GLU B 188 -103.89 65.94 -6.51
CA GLU B 188 -104.89 65.79 -5.45
C GLU B 188 -105.19 67.14 -4.80
N LEU B 189 -104.16 67.97 -4.61
CA LEU B 189 -104.40 69.32 -4.11
C LEU B 189 -105.29 70.11 -5.08
N ARG B 190 -105.00 70.01 -6.38
CA ARG B 190 -105.83 70.69 -7.39
C ARG B 190 -107.26 70.20 -7.31
N GLU B 191 -107.46 68.89 -7.25
CA GLU B 191 -108.81 68.33 -7.19
C GLU B 191 -109.54 68.76 -5.92
N THR B 192 -108.83 68.81 -4.79
CA THR B 192 -109.48 69.22 -3.54
C THR B 192 -109.90 70.68 -3.58
N LYS B 193 -109.04 71.56 -4.12
CA LYS B 193 -109.40 72.96 -4.22
C LYS B 193 -110.60 73.14 -5.15
N ARG B 194 -110.60 72.46 -6.29
CA ARG B 194 -111.74 72.52 -7.20
C ARG B 194 -113.02 72.03 -6.51
N ARG B 195 -112.93 70.90 -5.82
CA ARG B 195 -114.10 70.30 -5.17
C ARG B 195 -114.69 71.24 -4.14
N HIS B 196 -113.87 71.76 -3.21
CA HIS B 196 -114.45 72.58 -2.17
C HIS B 196 -114.73 74.01 -2.63
N GLU B 197 -114.24 74.42 -3.80
CA GLU B 197 -114.69 75.69 -4.36
C GLU B 197 -116.06 75.54 -5.02
N THR B 198 -116.30 74.42 -5.70
CA THR B 198 -117.60 74.21 -6.32
C THR B 198 -118.69 73.96 -5.29
N ARG B 199 -118.35 73.43 -4.12
CA ARG B 199 -119.35 73.24 -3.08
C ARG B 199 -119.76 74.56 -2.45
N LEU B 200 -118.88 75.57 -2.47
CA LEU B 200 -119.25 76.88 -1.96
C LEU B 200 -120.27 77.56 -2.86
N VAL B 201 -120.16 77.35 -4.17
CA VAL B 201 -121.16 77.86 -5.09
C VAL B 201 -122.48 77.12 -4.91
N GLU B 202 -122.42 75.84 -4.54
CA GLU B 202 -123.64 75.11 -4.22
C GLU B 202 -124.32 75.69 -2.98
N ILE B 203 -123.54 76.13 -2.01
CA ILE B 203 -124.11 76.80 -0.83
C ILE B 203 -124.71 78.13 -1.22
N ALA B 204 -124.08 78.85 -2.15
CA ALA B 204 -124.58 80.14 -2.61
C ALA B 204 -125.87 79.97 -3.40
#